data_4D56
#
_entry.id   4D56
#
_cell.length_a   68.166
_cell.length_b   82.242
_cell.length_c   90.064
_cell.angle_alpha   90.00
_cell.angle_beta   90.00
_cell.angle_gamma   90.00
#
_symmetry.space_group_name_H-M   'P 21 21 21'
#
loop_
_entity.id
_entity.type
_entity.pdbx_description
1 polymer APNAA1
2 non-polymer TYROSINE
3 non-polymer 'PHOSPHATE ION'
4 non-polymer GLYCEROL
5 non-polymer 'ADENOSINE MONOPHOSPHATE'
6 water water
#
_entity_poly.entity_id   1
_entity_poly.type   'polypeptide(L)'
_entity_poly.pdbx_seq_one_letter_code
;MKHHHHHHPMSDYDIPTTENLYFQGAMFKQSIHQLFETQVERTPEAVAVLSEQGQLTYEELNTKANQLAHYLRTLGVKSE
TLVGVCVDRSLEMVIGLLAILKAGGAYVPLDPTYPRERLTYMVQDAQISVLVTQTQWSNLISDYQGQVICLDSQWAKIAS
YSQENLVNTVNPENLAYVIYTSGSTGKPKGVMIEHQSLVNFTKLAIAQYQITTSDRTLQFVSISFDVAAEEIYVTLCSGA
TLILRTEEMISSIPSFVQKSQDWQITVWSLPTAYWHLLVNELVKSKIALPDSLRLVIIGGERVQPELVRMWFKNVGNFPE
LINVYGPTEGTIAVSLCRLSQLTESQRNRTEIPIGKSLGENISVYVLDETLKTVPPETPGEIYIGGTALARGYLNRPELT
AQKFIQDPFSPSERLYKTGDLGRYLADGNLEYLGRVDHQVKINGFRVELGEIETVLLQHHQVAQAVVIDREDPLGNKRLV
AYLVPHSTEENLTVTLQQFLKNKLPSYMIPATFVVLNELPLSPNGKIDRKALPIPDYDGNERQTPFIAPRNHQEEKLANI
WHQVFGLEKIGVN
;
_entity_poly.pdbx_strand_id   A
#
# COMPACT_ATOMS: atom_id res chain seq x y z
N PHE A 28 7.72 -12.38 22.85
CA PHE A 28 8.89 -11.74 22.13
C PHE A 28 8.56 -10.39 21.35
N LYS A 29 8.61 -9.29 22.10
CA LYS A 29 8.10 -8.00 21.66
C LYS A 29 9.02 -7.28 20.72
N GLN A 30 8.49 -6.84 19.59
CA GLN A 30 9.33 -6.25 18.58
C GLN A 30 8.62 -5.17 17.73
N SER A 31 9.38 -4.13 17.38
CA SER A 31 8.95 -3.08 16.48
C SER A 31 9.57 -3.33 15.12
N ILE A 32 9.06 -2.68 14.08
CA ILE A 32 9.59 -2.96 12.73
C ILE A 32 11.02 -2.51 12.66
N HIS A 33 11.35 -1.39 13.33
CA HIS A 33 12.72 -0.91 13.21
C HIS A 33 13.71 -1.69 14.01
N GLN A 34 13.26 -2.34 15.07
CA GLN A 34 14.12 -3.27 15.77
C GLN A 34 14.50 -4.48 14.90
N LEU A 35 13.52 -4.97 14.19
CA LEU A 35 13.74 -6.04 13.24
C LEU A 35 14.83 -5.57 12.24
N PHE A 36 14.74 -4.32 11.76
CA PHE A 36 15.70 -3.79 10.83
C PHE A 36 17.05 -3.69 11.48
N GLU A 37 17.07 -3.20 12.72
CA GLU A 37 18.28 -3.08 13.52
C GLU A 37 19.03 -4.43 13.76
N THR A 38 18.28 -5.50 13.98
CA THR A 38 18.88 -6.84 14.05
C THR A 38 19.61 -7.16 12.73
N GLN A 39 19.05 -6.83 11.59
CA GLN A 39 19.67 -7.13 10.33
C GLN A 39 20.94 -6.32 10.11
N VAL A 40 20.89 -5.06 10.51
CA VAL A 40 22.02 -4.17 10.37
C VAL A 40 23.22 -4.73 11.12
N GLU A 41 22.93 -5.23 12.33
CA GLU A 41 23.92 -5.84 13.21
C GLU A 41 24.55 -7.11 12.52
N ARG A 42 23.76 -7.90 11.81
CA ARG A 42 24.22 -9.07 11.08
C ARG A 42 25.02 -8.70 9.85
N THR A 43 24.58 -7.74 9.06
CA THR A 43 25.25 -7.44 7.78
C THR A 43 25.40 -5.93 7.51
N PRO A 44 26.28 -5.28 8.29
CA PRO A 44 26.38 -3.83 8.28
C PRO A 44 26.84 -3.27 6.94
N GLU A 45 27.63 -4.06 6.22
CA GLU A 45 28.32 -3.58 5.02
C GLU A 45 27.59 -3.95 3.76
N ALA A 46 26.61 -4.83 3.88
CA ALA A 46 25.70 -5.10 2.75
C ALA A 46 25.02 -3.82 2.28
N VAL A 47 24.70 -3.76 1.00
CA VAL A 47 24.01 -2.67 0.46
C VAL A 47 22.53 -2.78 0.84
N ALA A 48 22.00 -1.77 1.52
CA ALA A 48 20.57 -1.72 1.86
C ALA A 48 19.70 -1.15 0.74
N VAL A 49 20.08 -0.04 0.16
CA VAL A 49 19.23 0.71 -0.72
C VAL A 49 20.08 1.28 -1.83
N LEU A 50 19.58 1.17 -3.07
CA LEU A 50 20.24 1.61 -4.30
C LEU A 50 19.21 2.41 -5.07
N SER A 51 19.59 3.58 -5.57
CA SER A 51 18.79 4.29 -6.55
C SER A 51 19.71 4.67 -7.71
N GLU A 52 19.15 5.30 -8.72
CA GLU A 52 19.94 5.76 -9.84
C GLU A 52 20.93 6.85 -9.41
N GLN A 53 20.77 7.38 -8.20
CA GLN A 53 21.59 8.47 -7.70
C GLN A 53 22.66 8.08 -6.67
N GLY A 54 22.60 6.89 -6.06
CA GLY A 54 23.51 6.57 -4.96
C GLY A 54 23.01 5.38 -4.16
N GLN A 55 23.69 5.04 -3.11
CA GLN A 55 23.34 3.85 -2.42
C GLN A 55 23.71 4.06 -1.02
N LEU A 56 23.15 3.22 -0.15
CA LEU A 56 23.48 3.17 1.24
C LEU A 56 23.64 1.72 1.68
N THR A 57 24.67 1.45 2.47
CA THR A 57 24.81 0.21 3.19
C THR A 57 23.80 0.16 4.34
N TYR A 58 23.62 -1.03 4.94
CA TYR A 58 22.77 -1.20 6.10
C TYR A 58 23.23 -0.23 7.20
N GLU A 59 24.54 -0.23 7.45
CA GLU A 59 25.15 0.62 8.50
C GLU A 59 24.89 2.10 8.27
N GLU A 60 25.07 2.58 7.07
CA GLU A 60 24.84 3.97 6.77
C GLU A 60 23.40 4.37 6.85
N LEU A 61 22.50 3.50 6.39
CA LEU A 61 21.07 3.76 6.39
C LEU A 61 20.68 3.91 7.85
N ASN A 62 21.16 2.98 8.65
CA ASN A 62 20.85 2.95 10.04
C ASN A 62 21.37 4.16 10.78
N THR A 63 22.61 4.54 10.52
CA THR A 63 23.15 5.64 11.29
C THR A 63 22.48 6.95 10.87
N LYS A 64 22.21 7.12 9.59
CA LYS A 64 21.48 8.30 9.12
C LYS A 64 20.05 8.36 9.62
N ALA A 65 19.32 7.26 9.55
CA ALA A 65 18.01 7.21 10.24
C ALA A 65 18.10 7.53 11.75
N ASN A 66 19.15 7.08 12.45
CA ASN A 66 19.26 7.41 13.88
C ASN A 66 19.49 8.93 14.14
N GLN A 67 20.26 9.54 13.28
CA GLN A 67 20.58 11.01 13.45
C GLN A 67 19.30 11.79 13.33
N LEU A 68 18.57 11.52 12.26
CA LEU A 68 17.24 12.09 12.05
C LEU A 68 16.24 11.74 13.13
N ALA A 69 16.25 10.49 13.60
CA ALA A 69 15.38 10.17 14.73
C ALA A 69 15.72 10.94 16.00
N HIS A 70 17.01 11.11 16.30
CA HIS A 70 17.35 11.85 17.50
C HIS A 70 16.88 13.30 17.32
N TYR A 71 17.06 13.86 16.13
CA TYR A 71 16.54 15.17 15.84
C TYR A 71 15.03 15.23 16.04
N LEU A 72 14.28 14.24 15.52
CA LEU A 72 12.87 14.26 15.74
C LEU A 72 12.48 14.20 17.18
N ARG A 73 13.17 13.41 17.99
CA ARG A 73 12.83 13.32 19.39
C ARG A 73 12.93 14.75 20.01
N THR A 74 13.88 15.53 19.55
CA THR A 74 13.99 16.94 20.10
C THR A 74 12.89 17.84 19.58
N LEU A 75 12.15 17.39 18.55
CA LEU A 75 10.98 18.12 18.15
C LEU A 75 9.75 17.66 18.78
N GLY A 76 9.84 16.77 19.74
CA GLY A 76 8.68 16.30 20.48
C GLY A 76 8.12 15.00 19.91
N VAL A 77 8.75 14.44 18.89
CA VAL A 77 8.20 13.17 18.36
C VAL A 77 8.42 12.05 19.40
N LYS A 78 7.35 11.35 19.74
CA LYS A 78 7.40 10.25 20.65
C LYS A 78 6.34 9.21 20.28
N SER A 79 6.18 8.15 21.06
CA SER A 79 5.12 7.17 20.75
C SER A 79 3.73 7.78 20.59
N GLU A 80 3.04 7.33 19.55
CA GLU A 80 1.77 7.85 19.06
C GLU A 80 1.77 9.22 18.42
N THR A 81 2.92 9.86 18.20
CA THR A 81 2.98 11.12 17.49
C THR A 81 2.89 10.81 16.03
N LEU A 82 2.00 11.51 15.31
CA LEU A 82 1.90 11.34 13.86
C LEU A 82 2.82 12.32 13.17
N VAL A 83 3.68 11.80 12.29
CA VAL A 83 4.54 12.63 11.51
C VAL A 83 4.26 12.52 10.05
N GLY A 84 4.05 13.67 9.42
CA GLY A 84 3.75 13.69 8.01
C GLY A 84 5.01 13.44 7.26
N VAL A 85 4.91 12.70 6.13
N VAL A 85 4.94 12.75 6.12
CA VAL A 85 6.03 12.47 5.20
CA VAL A 85 6.12 12.54 5.30
C VAL A 85 5.67 12.80 3.78
C VAL A 85 5.75 12.76 3.84
N CYS A 86 6.41 13.76 3.24
CA CYS A 86 6.15 14.24 1.87
C CYS A 86 7.48 14.34 1.27
N VAL A 87 7.91 13.20 0.76
CA VAL A 87 9.23 13.07 0.27
C VAL A 87 8.99 12.45 -1.11
N ASP A 88 10.00 12.40 -1.95
CA ASP A 88 9.82 11.61 -3.13
C ASP A 88 10.71 10.40 -3.06
N ARG A 89 10.50 9.51 -4.00
CA ARG A 89 11.13 8.18 -3.89
C ARG A 89 12.63 8.39 -4.03
N SER A 90 13.39 8.04 -3.01
CA SER A 90 14.78 8.44 -2.93
C SER A 90 15.34 7.80 -1.71
N LEU A 91 16.67 7.80 -1.57
CA LEU A 91 17.30 7.37 -0.35
C LEU A 91 16.72 8.12 0.85
N GLU A 92 16.51 9.42 0.69
CA GLU A 92 15.92 10.26 1.73
C GLU A 92 14.58 9.72 2.33
N MET A 93 13.78 9.20 1.44
CA MET A 93 12.47 8.69 1.78
C MET A 93 12.59 7.53 2.77
N VAL A 94 13.52 6.62 2.49
CA VAL A 94 13.74 5.47 3.33
C VAL A 94 14.34 5.86 4.65
N ILE A 95 15.29 6.80 4.64
CA ILE A 95 15.84 7.35 5.88
C ILE A 95 14.75 7.95 6.74
N GLY A 96 13.83 8.60 6.10
CA GLY A 96 12.84 9.37 6.79
C GLY A 96 11.87 8.46 7.44
N LEU A 97 11.42 7.44 6.72
CA LEU A 97 10.51 6.48 7.30
C LEU A 97 11.09 5.77 8.46
N LEU A 98 12.29 5.21 8.28
CA LEU A 98 12.97 4.57 9.38
C LEU A 98 13.22 5.50 10.60
N ALA A 99 13.48 6.79 10.36
CA ALA A 99 13.80 7.69 11.45
C ALA A 99 12.60 7.99 12.29
N ILE A 100 11.49 8.19 11.63
CA ILE A 100 10.26 8.43 12.30
C ILE A 100 9.89 7.22 13.13
N LEU A 101 10.02 6.03 12.56
CA LEU A 101 9.72 4.84 13.38
C LEU A 101 10.68 4.76 14.60
N LYS A 102 12.00 5.00 14.39
CA LYS A 102 12.93 4.87 15.51
C LYS A 102 12.68 5.87 16.62
N ALA A 103 12.22 7.04 16.24
CA ALA A 103 11.90 8.12 17.20
C ALA A 103 10.70 7.72 17.97
N GLY A 104 10.01 6.62 17.55
CA GLY A 104 8.75 6.24 18.17
C GLY A 104 7.47 6.79 17.57
N GLY A 105 7.56 7.61 16.56
CA GLY A 105 6.38 8.08 15.94
C GLY A 105 5.80 7.16 14.86
N ALA A 106 4.68 7.57 14.31
CA ALA A 106 3.99 6.91 13.20
C ALA A 106 3.94 7.82 12.06
N TYR A 107 4.28 7.33 10.89
CA TYR A 107 4.29 8.18 9.72
C TYR A 107 2.99 8.21 8.94
N VAL A 108 2.74 9.34 8.35
CA VAL A 108 1.55 9.54 7.58
C VAL A 108 1.96 10.00 6.19
N PRO A 109 1.83 9.10 5.18
CA PRO A 109 2.24 9.52 3.86
C PRO A 109 1.37 10.60 3.27
N LEU A 110 2.05 11.62 2.73
CA LEU A 110 1.39 12.76 2.13
C LEU A 110 1.90 12.88 0.70
N ASP A 111 1.08 12.43 -0.21
CA ASP A 111 1.53 12.17 -1.54
C ASP A 111 1.65 13.51 -2.24
N PRO A 112 2.84 13.90 -2.71
CA PRO A 112 2.99 15.24 -3.34
C PRO A 112 2.15 15.46 -4.59
N THR A 113 1.61 14.40 -5.16
CA THR A 113 0.77 14.60 -6.33
C THR A 113 -0.62 14.90 -5.98
N TYR A 114 -1.05 14.81 -4.72
CA TYR A 114 -2.41 15.18 -4.40
C TYR A 114 -2.60 16.67 -4.32
N PRO A 115 -3.83 17.16 -4.54
CA PRO A 115 -4.03 18.60 -4.46
C PRO A 115 -3.83 19.15 -3.07
N ARG A 116 -3.48 20.44 -2.99
CA ARG A 116 -3.24 21.13 -1.70
C ARG A 116 -4.37 20.95 -0.67
N GLU A 117 -5.59 21.02 -1.12
CA GLU A 117 -6.71 20.94 -0.27
C GLU A 117 -6.81 19.57 0.39
N ARG A 118 -6.47 18.52 -0.33
CA ARG A 118 -6.55 17.19 0.23
C ARG A 118 -5.45 16.91 1.23
N LEU A 119 -4.25 17.37 0.93
CA LEU A 119 -3.18 17.27 1.82
C LEU A 119 -3.38 18.12 3.07
N THR A 120 -3.90 19.33 2.91
CA THR A 120 -4.18 20.16 4.06
C THR A 120 -5.21 19.51 4.95
N TYR A 121 -6.18 18.82 4.34
CA TYR A 121 -7.21 18.22 5.13
C TYR A 121 -6.61 17.12 6.04
N MET A 122 -5.78 16.27 5.42
CA MET A 122 -5.17 15.12 6.11
C MET A 122 -4.29 15.62 7.23
N VAL A 123 -3.55 16.72 7.00
CA VAL A 123 -2.69 17.28 8.02
C VAL A 123 -3.45 17.74 9.29
N GLN A 124 -4.57 18.41 9.08
CA GLN A 124 -5.47 18.87 10.12
C GLN A 124 -6.21 17.71 10.81
N ASP A 125 -6.76 16.83 10.00
CA ASP A 125 -7.41 15.58 10.53
C ASP A 125 -6.50 14.82 11.45
N ALA A 126 -5.30 14.58 11.00
CA ALA A 126 -4.31 13.86 11.77
C ALA A 126 -3.58 14.69 12.80
N GLN A 127 -3.77 16.00 12.82
CA GLN A 127 -3.08 16.85 13.81
C GLN A 127 -1.59 16.79 13.72
N ILE A 128 -1.08 16.73 12.52
CA ILE A 128 0.34 16.57 12.36
C ILE A 128 0.99 17.88 12.66
N SER A 129 2.00 17.83 13.52
CA SER A 129 2.77 19.03 13.87
C SER A 129 4.25 18.86 13.51
N VAL A 130 4.70 17.68 13.06
CA VAL A 130 6.00 17.57 12.45
C VAL A 130 5.85 17.06 11.01
N LEU A 131 6.61 17.64 10.09
CA LEU A 131 6.55 17.30 8.65
C LEU A 131 7.95 17.06 8.17
N VAL A 132 8.21 15.82 7.76
CA VAL A 132 9.49 15.45 7.17
C VAL A 132 9.27 15.54 5.67
N THR A 133 10.03 16.44 5.03
CA THR A 133 9.79 16.71 3.63
C THR A 133 11.07 17.10 2.97
N GLN A 134 10.97 17.79 1.84
CA GLN A 134 12.08 18.34 1.07
C GLN A 134 11.70 19.76 0.58
N THR A 135 12.71 20.59 0.33
CA THR A 135 12.50 22.01 -0.07
C THR A 135 11.64 22.13 -1.30
N GLN A 136 11.76 21.18 -2.22
CA GLN A 136 10.92 21.20 -3.43
C GLN A 136 9.43 20.97 -3.19
N TRP A 137 9.03 20.59 -1.97
CA TRP A 137 7.62 20.40 -1.65
C TRP A 137 7.20 21.44 -0.63
N SER A 138 8.00 22.48 -0.44
CA SER A 138 7.53 23.53 0.49
C SER A 138 6.28 24.16 -0.16
N ASN A 139 5.48 24.85 0.61
CA ASN A 139 4.25 25.38 0.04
C ASN A 139 3.26 24.31 -0.39
N LEU A 140 3.49 23.05 -0.04
CA LEU A 140 2.49 22.06 -0.28
C LEU A 140 1.32 22.01 0.73
N ILE A 141 1.54 22.43 1.97
CA ILE A 141 0.45 22.60 2.93
C ILE A 141 0.10 24.09 3.09
N SER A 142 -1.21 24.39 3.03
CA SER A 142 -1.79 25.69 3.41
C SER A 142 -1.77 25.93 4.91
N ASP A 143 -1.17 27.03 5.32
CA ASP A 143 -1.30 27.57 6.68
C ASP A 143 -0.52 26.71 7.66
N TYR A 144 0.56 26.06 7.25
CA TYR A 144 1.13 25.04 8.12
C TYR A 144 1.93 25.65 9.26
N GLN A 145 1.56 25.32 10.47
CA GLN A 145 2.13 25.96 11.61
C GLN A 145 3.10 25.10 12.37
N GLY A 146 3.33 23.85 11.96
CA GLY A 146 4.15 23.00 12.79
C GLY A 146 5.61 23.08 12.42
N GLN A 147 6.35 22.07 12.84
CA GLN A 147 7.75 21.97 12.58
C GLN A 147 7.95 21.27 11.24
N VAL A 148 8.92 21.73 10.48
CA VAL A 148 9.17 21.21 9.15
C VAL A 148 10.62 20.85 9.13
N ILE A 149 10.95 19.69 8.60
CA ILE A 149 12.33 19.29 8.37
C ILE A 149 12.49 18.99 6.88
N CYS A 150 13.43 19.66 6.24
CA CYS A 150 13.74 19.45 4.86
C CYS A 150 15.00 18.65 4.74
N LEU A 151 14.86 17.37 4.36
CA LEU A 151 16.00 16.46 4.43
C LEU A 151 17.04 16.83 3.45
N ASP A 152 16.66 17.48 2.36
CA ASP A 152 17.64 17.87 1.33
C ASP A 152 18.51 19.06 1.75
N SER A 153 17.98 20.01 2.52
CA SER A 153 18.69 21.26 2.82
C SER A 153 19.26 21.28 4.20
N GLN A 154 18.71 20.49 5.11
CA GLN A 154 19.12 20.52 6.47
C GLN A 154 19.98 19.38 6.90
N TRP A 155 20.70 18.72 5.97
CA TRP A 155 21.42 17.51 6.41
C TRP A 155 22.67 17.83 7.28
N ALA A 156 23.30 18.97 7.10
CA ALA A 156 24.44 19.30 7.98
C ALA A 156 23.99 19.41 9.43
N LYS A 157 22.84 19.98 9.64
CA LYS A 157 22.33 19.99 10.99
C LYS A 157 21.99 18.54 11.49
N ILE A 158 21.30 17.75 10.69
CA ILE A 158 20.90 16.38 11.18
C ILE A 158 22.16 15.56 11.44
N ALA A 159 23.19 15.76 10.64
CA ALA A 159 24.54 15.13 10.91
C ALA A 159 25.18 15.42 12.27
N SER A 160 24.74 16.44 12.96
CA SER A 160 25.29 16.65 14.30
C SER A 160 24.60 15.86 15.38
N TYR A 161 23.62 15.04 15.05
CA TYR A 161 22.85 14.31 16.08
C TYR A 161 23.42 12.91 16.19
N SER A 162 23.06 12.21 17.24
CA SER A 162 23.68 10.91 17.50
C SER A 162 23.39 9.83 16.43
N GLN A 163 24.35 8.95 16.25
CA GLN A 163 24.28 7.91 15.29
C GLN A 163 23.88 6.59 15.91
N GLU A 164 23.66 6.60 17.21
CA GLU A 164 23.37 5.41 17.98
C GLU A 164 21.88 5.03 17.93
N ASN A 165 21.59 3.73 18.10
CA ASN A 165 20.23 3.29 18.09
C ASN A 165 19.56 3.91 19.30
N LEU A 166 18.29 4.32 19.12
CA LEU A 166 17.51 4.88 20.22
C LEU A 166 17.00 3.66 20.99
N VAL A 167 16.72 3.80 22.26
CA VAL A 167 16.19 2.72 23.00
C VAL A 167 14.79 3.02 23.47
N ASN A 168 13.95 1.99 23.36
CA ASN A 168 12.65 1.90 24.00
C ASN A 168 11.79 3.09 23.75
N THR A 169 11.57 3.39 22.47
CA THR A 169 10.77 4.55 22.19
C THR A 169 9.36 4.13 21.98
N VAL A 170 9.10 2.81 21.80
CA VAL A 170 7.80 2.29 21.35
C VAL A 170 7.47 0.89 21.79
N ASN A 171 6.20 0.62 21.94
CA ASN A 171 5.79 -0.79 22.20
C ASN A 171 5.08 -1.33 20.97
N PRO A 172 4.81 -2.65 20.93
CA PRO A 172 4.30 -3.21 19.66
C PRO A 172 2.90 -2.73 19.38
N GLU A 173 2.16 -2.36 20.42
CA GLU A 173 0.82 -1.90 20.20
CA GLU A 173 0.81 -1.83 20.32
C GLU A 173 0.80 -0.42 19.74
N ASN A 174 1.90 0.27 19.86
CA ASN A 174 1.99 1.65 19.30
C ASN A 174 1.90 1.65 17.77
N LEU A 175 1.43 2.77 17.26
CA LEU A 175 1.30 2.95 15.83
C LEU A 175 2.61 3.00 15.08
N ALA A 176 2.59 2.40 13.89
CA ALA A 176 3.73 2.53 12.97
C ALA A 176 3.40 3.48 11.83
N TYR A 177 2.20 3.44 11.34
CA TYR A 177 1.82 4.33 10.22
C TYR A 177 0.36 4.49 10.18
N VAL A 178 -0.05 5.61 9.66
CA VAL A 178 -1.42 5.87 9.39
C VAL A 178 -1.48 6.21 7.94
N ILE A 179 -2.21 5.42 7.18
CA ILE A 179 -2.27 5.63 5.76
C ILE A 179 -3.69 5.96 5.32
N TYR A 180 -3.88 7.06 4.61
CA TYR A 180 -5.22 7.40 4.11
C TYR A 180 -5.79 6.67 2.91
N THR A 181 -7.05 6.35 2.94
CA THR A 181 -7.70 5.78 1.82
C THR A 181 -9.02 6.50 1.62
N SER A 182 -9.65 6.18 0.49
CA SER A 182 -10.76 6.93 -0.05
C SER A 182 -11.92 6.69 0.87
N GLY A 183 -12.73 7.73 1.08
CA GLY A 183 -13.87 7.64 2.01
C GLY A 183 -15.18 7.92 1.26
N SER A 184 -16.19 7.08 1.47
CA SER A 184 -17.42 7.22 0.66
C SER A 184 -18.25 8.40 1.12
N THR A 185 -18.08 8.86 2.36
CA THR A 185 -18.84 10.00 2.84
C THR A 185 -18.27 11.35 2.37
N GLY A 186 -17.19 11.33 1.57
CA GLY A 186 -16.65 12.57 0.97
C GLY A 186 -15.25 13.04 1.34
N LYS A 187 -14.63 12.46 2.37
CA LYS A 187 -13.21 12.70 2.67
C LYS A 187 -12.53 11.37 2.95
N PRO A 188 -11.23 11.30 2.67
CA PRO A 188 -10.48 10.10 3.05
C PRO A 188 -10.40 9.93 4.57
N LYS A 189 -10.00 8.73 4.96
CA LYS A 189 -9.76 8.40 6.38
C LYS A 189 -8.50 7.56 6.58
N GLY A 190 -7.86 7.77 7.72
CA GLY A 190 -6.57 7.18 8.06
C GLY A 190 -6.82 5.76 8.63
N VAL A 191 -6.15 4.77 8.09
CA VAL A 191 -6.09 3.43 8.69
C VAL A 191 -4.89 3.37 9.54
N MET A 192 -5.07 3.07 10.82
CA MET A 192 -4.04 3.05 11.79
C MET A 192 -3.50 1.61 11.93
N ILE A 193 -2.21 1.51 11.64
CA ILE A 193 -1.46 0.22 11.71
C ILE A 193 -0.45 0.25 12.81
N GLU A 194 -0.59 -0.69 13.73
CA GLU A 194 0.37 -0.87 14.85
C GLU A 194 1.61 -1.68 14.40
N HIS A 195 2.73 -1.43 15.07
CA HIS A 195 3.94 -2.17 14.86
C HIS A 195 3.66 -3.68 14.89
N GLN A 196 2.87 -4.14 15.82
CA GLN A 196 2.81 -5.61 15.96
C GLN A 196 2.23 -6.33 14.73
N SER A 197 1.22 -5.76 14.11
CA SER A 197 0.65 -6.31 12.90
C SER A 197 1.55 -6.23 11.73
N LEU A 198 2.30 -5.13 11.64
CA LEU A 198 3.27 -4.95 10.61
C LEU A 198 4.49 -5.87 10.73
N VAL A 199 5.00 -6.05 11.95
CA VAL A 199 6.13 -6.96 12.19
C VAL A 199 5.65 -8.37 11.86
N ASN A 200 4.40 -8.68 12.21
CA ASN A 200 3.88 -10.06 11.90
C ASN A 200 3.80 -10.31 10.39
N PHE A 201 3.23 -9.36 9.67
CA PHE A 201 3.21 -9.40 8.23
C PHE A 201 4.61 -9.57 7.67
N THR A 202 5.51 -8.68 8.02
CA THR A 202 6.84 -8.71 7.54
C THR A 202 7.54 -10.11 7.78
N LYS A 203 7.44 -10.66 8.99
CA LYS A 203 8.06 -11.96 9.30
CA LYS A 203 8.08 -11.93 9.28
C LYS A 203 7.47 -13.04 8.43
N LEU A 204 6.13 -13.09 8.37
CA LEU A 204 5.43 -14.06 7.53
C LEU A 204 5.80 -13.95 6.04
N ALA A 205 5.82 -12.74 5.45
CA ALA A 205 6.16 -12.50 4.10
C ALA A 205 7.58 -12.87 3.68
N ILE A 206 8.57 -12.52 4.47
CA ILE A 206 9.92 -12.99 4.27
C ILE A 206 10.00 -14.56 4.13
N ALA A 207 9.37 -15.27 5.05
CA ALA A 207 9.36 -16.75 4.99
C ALA A 207 8.52 -17.23 3.80
N GLN A 208 7.38 -16.62 3.55
CA GLN A 208 6.58 -17.00 2.39
C GLN A 208 7.27 -16.82 1.05
N TYR A 209 8.01 -15.69 0.89
CA TYR A 209 8.70 -15.40 -0.37
C TYR A 209 10.09 -15.92 -0.43
N GLN A 210 10.60 -16.41 0.69
CA GLN A 210 11.91 -16.90 0.78
C GLN A 210 12.91 -15.80 0.50
N ILE A 211 12.67 -14.61 1.00
CA ILE A 211 13.63 -13.54 0.76
C ILE A 211 14.96 -13.82 1.42
N THR A 212 16.08 -13.61 0.73
CA THR A 212 17.38 -13.81 1.35
C THR A 212 18.29 -12.61 1.07
N THR A 213 19.50 -12.62 1.65
CA THR A 213 20.45 -11.58 1.45
C THR A 213 20.88 -11.40 0.00
N SER A 214 20.73 -12.40 -0.87
CA SER A 214 20.94 -12.18 -2.28
C SER A 214 19.83 -11.50 -3.03
N ASP A 215 18.63 -11.33 -2.47
CA ASP A 215 17.59 -10.78 -3.33
C ASP A 215 17.77 -9.27 -3.60
N ARG A 216 17.29 -8.84 -4.75
CA ARG A 216 17.20 -7.42 -5.09
C ARG A 216 15.75 -7.07 -5.45
N THR A 217 15.09 -6.24 -4.65
CA THR A 217 13.66 -6.01 -4.78
C THR A 217 13.48 -4.63 -5.37
N LEU A 218 12.60 -4.49 -6.37
CA LEU A 218 12.27 -3.24 -6.94
C LEU A 218 11.23 -2.57 -6.10
N GLN A 219 11.52 -1.37 -5.57
CA GLN A 219 10.47 -0.65 -4.88
C GLN A 219 9.67 0.13 -5.94
N PHE A 220 8.38 -0.17 -6.06
CA PHE A 220 7.59 0.25 -7.22
C PHE A 220 6.54 1.28 -6.86
N VAL A 221 5.77 0.96 -5.86
CA VAL A 221 4.62 1.70 -5.60
C VAL A 221 4.96 2.92 -4.69
N SER A 222 4.18 4.00 -4.83
CA SER A 222 4.18 5.11 -3.87
C SER A 222 3.89 4.62 -2.41
N ILE A 223 4.48 5.26 -1.41
CA ILE A 223 4.15 5.04 0.02
C ILE A 223 2.74 5.43 0.42
N SER A 224 2.00 6.07 -0.48
CA SER A 224 0.55 6.15 -0.42
C SER A 224 -0.16 4.78 -0.45
N PHE A 225 0.48 3.73 -0.97
CA PHE A 225 -0.10 2.39 -0.98
C PHE A 225 0.60 1.59 0.13
N ASP A 226 -0.15 0.84 0.92
CA ASP A 226 0.49 0.04 1.96
C ASP A 226 1.41 -1.03 1.43
N VAL A 227 1.28 -1.34 0.16
CA VAL A 227 2.17 -2.29 -0.53
C VAL A 227 3.61 -1.83 -0.50
N ALA A 228 3.86 -0.52 -0.51
CA ALA A 228 5.26 -0.04 -0.39
C ALA A 228 5.95 -0.57 0.87
N ALA A 229 5.21 -0.69 1.95
CA ALA A 229 5.74 -1.23 3.20
C ALA A 229 6.10 -2.69 2.99
N GLU A 230 5.36 -3.40 2.19
CA GLU A 230 5.77 -4.75 1.90
C GLU A 230 7.13 -4.73 1.32
N GLU A 231 7.30 -3.95 0.23
CA GLU A 231 8.57 -3.91 -0.52
C GLU A 231 9.74 -3.46 0.29
N ILE A 232 9.51 -2.42 1.08
CA ILE A 232 10.53 -1.88 1.89
C ILE A 232 10.95 -2.77 3.04
N TYR A 233 10.02 -3.19 3.89
CA TYR A 233 10.40 -3.86 5.19
C TYR A 233 10.75 -5.35 4.98
N VAL A 234 10.10 -5.99 4.02
CA VAL A 234 10.45 -7.38 3.65
C VAL A 234 11.89 -7.45 3.19
N THR A 235 12.27 -6.49 2.37
CA THR A 235 13.62 -6.39 1.87
C THR A 235 14.61 -6.07 2.97
N LEU A 236 14.42 -4.92 3.62
CA LEU A 236 15.32 -4.46 4.57
C LEU A 236 15.41 -5.34 5.82
N CYS A 237 14.34 -6.02 6.26
CA CYS A 237 14.46 -6.82 7.46
C CYS A 237 14.98 -8.25 7.17
N SER A 238 15.35 -8.50 5.93
CA SER A 238 15.89 -9.83 5.51
C SER A 238 17.30 -9.62 5.04
N GLY A 239 17.75 -8.39 4.88
CA GLY A 239 19.11 -8.18 4.40
C GLY A 239 19.35 -8.07 2.92
N ALA A 240 18.30 -8.01 2.14
CA ALA A 240 18.42 -7.92 0.73
C ALA A 240 18.60 -6.43 0.38
N THR A 241 18.64 -6.12 -0.92
CA THR A 241 18.88 -4.77 -1.43
C THR A 241 17.61 -4.27 -2.03
N LEU A 242 17.14 -3.12 -1.53
CA LEU A 242 16.01 -2.42 -2.02
C LEU A 242 16.49 -1.50 -3.15
N ILE A 243 15.86 -1.64 -4.28
CA ILE A 243 16.17 -0.86 -5.44
C ILE A 243 15.01 0.00 -5.77
N LEU A 244 15.23 1.31 -5.66
CA LEU A 244 14.19 2.31 -5.92
C LEU A 244 13.97 2.69 -7.38
N ARG A 245 12.78 2.59 -7.89
CA ARG A 245 12.57 2.89 -9.28
C ARG A 245 12.55 4.38 -9.54
N THR A 246 12.63 4.73 -10.81
CA THR A 246 12.38 6.10 -11.34
C THR A 246 10.95 6.16 -11.89
N GLU A 247 10.42 7.39 -12.15
CA GLU A 247 9.13 7.60 -12.82
C GLU A 247 9.17 7.18 -14.27
N GLU A 248 10.33 7.39 -14.84
CA GLU A 248 10.47 7.18 -16.27
C GLU A 248 10.50 5.69 -16.61
N MET A 249 10.94 4.85 -15.68
CA MET A 249 11.12 3.44 -16.04
C MET A 249 9.83 2.69 -16.20
N ILE A 250 8.70 3.13 -15.62
CA ILE A 250 7.44 2.36 -15.82
C ILE A 250 6.57 2.71 -17.02
N SER A 251 6.79 3.88 -17.59
CA SER A 251 5.98 4.38 -18.73
C SER A 251 6.11 3.51 -19.98
N SER A 252 7.19 2.77 -20.14
CA SER A 252 7.11 1.71 -21.13
C SER A 252 7.61 0.39 -20.55
N ILE A 253 6.87 -0.65 -20.84
CA ILE A 253 7.20 -2.00 -20.43
C ILE A 253 8.61 -2.42 -20.89
N PRO A 254 8.99 -2.13 -22.16
CA PRO A 254 10.36 -2.51 -22.53
C PRO A 254 11.43 -1.85 -21.69
N SER A 255 11.24 -0.57 -21.35
CA SER A 255 12.19 0.12 -20.49
C SER A 255 12.16 -0.54 -19.10
N PHE A 256 10.97 -0.82 -18.59
CA PHE A 256 10.82 -1.44 -17.27
C PHE A 256 11.65 -2.75 -17.17
N VAL A 257 11.41 -3.60 -18.16
CA VAL A 257 12.12 -4.92 -18.27
C VAL A 257 13.60 -4.72 -18.39
N GLN A 258 14.02 -3.82 -19.30
CA GLN A 258 15.44 -3.64 -19.53
C GLN A 258 16.15 -3.05 -18.34
N LYS A 259 15.52 -2.07 -17.72
CA LYS A 259 16.08 -1.50 -16.53
C LYS A 259 16.14 -2.58 -15.44
N SER A 260 15.10 -3.40 -15.36
CA SER A 260 15.14 -4.46 -14.35
C SER A 260 16.31 -5.43 -14.57
N GLN A 261 16.62 -5.72 -15.84
CA GLN A 261 17.74 -6.53 -16.24
C GLN A 261 19.06 -5.87 -15.91
N ASP A 262 19.21 -4.59 -16.23
CA ASP A 262 20.45 -3.89 -15.85
C ASP A 262 20.69 -3.93 -14.35
N TRP A 263 19.63 -3.76 -13.59
CA TRP A 263 19.70 -3.80 -12.13
C TRP A 263 19.80 -5.23 -11.53
N GLN A 264 19.65 -6.25 -12.35
CA GLN A 264 19.66 -7.63 -11.84
C GLN A 264 18.60 -7.81 -10.70
N ILE A 265 17.37 -7.38 -10.99
CA ILE A 265 16.26 -7.43 -10.07
C ILE A 265 15.86 -8.92 -9.90
N THR A 266 15.71 -9.37 -8.67
CA THR A 266 15.27 -10.77 -8.43
C THR A 266 13.80 -10.83 -8.05
N VAL A 267 13.23 -9.75 -7.47
CA VAL A 267 11.84 -9.72 -7.07
C VAL A 267 11.12 -8.51 -7.60
N TRP A 268 10.03 -8.76 -8.32
CA TRP A 268 9.14 -7.67 -8.74
C TRP A 268 7.88 -7.75 -7.91
N SER A 269 7.43 -6.57 -7.46
CA SER A 269 6.16 -6.40 -6.81
C SER A 269 5.34 -5.42 -7.65
N LEU A 270 4.27 -5.91 -8.25
CA LEU A 270 3.55 -5.22 -9.26
C LEU A 270 2.14 -5.15 -8.92
N PRO A 271 1.56 -3.95 -9.05
CA PRO A 271 0.11 -3.82 -9.08
C PRO A 271 -0.47 -4.74 -10.23
N THR A 272 -1.58 -5.44 -9.99
CA THR A 272 -2.16 -6.31 -10.98
C THR A 272 -2.40 -5.65 -12.30
N ALA A 273 -2.90 -4.41 -12.27
CA ALA A 273 -3.20 -3.73 -13.52
C ALA A 273 -1.91 -3.50 -14.31
N TYR A 274 -0.82 -3.22 -13.64
CA TYR A 274 0.43 -3.11 -14.33
C TYR A 274 0.90 -4.50 -14.85
N TRP A 275 0.80 -5.55 -14.06
CA TRP A 275 1.22 -6.89 -14.57
C TRP A 275 0.37 -7.24 -15.85
N HIS A 276 -0.89 -6.90 -15.84
CA HIS A 276 -1.78 -7.10 -17.02
C HIS A 276 -1.20 -6.46 -18.24
N LEU A 277 -0.77 -5.22 -18.11
CA LEU A 277 -0.08 -4.53 -19.20
C LEU A 277 1.15 -5.24 -19.62
N LEU A 278 1.91 -5.72 -18.62
CA LEU A 278 3.18 -6.33 -18.86
C LEU A 278 3.00 -7.64 -19.66
N VAL A 279 2.02 -8.43 -19.28
CA VAL A 279 1.73 -9.67 -19.99
C VAL A 279 1.38 -9.37 -21.47
N ASN A 280 0.43 -8.46 -21.72
CA ASN A 280 0.13 -8.09 -23.13
C ASN A 280 1.36 -7.77 -23.93
N GLU A 281 2.21 -6.94 -23.37
CA GLU A 281 3.40 -6.50 -24.06
C GLU A 281 4.42 -7.60 -24.25
N LEU A 282 4.58 -8.47 -23.26
CA LEU A 282 5.55 -9.55 -23.35
C LEU A 282 5.28 -10.31 -24.61
N VAL A 283 4.03 -10.60 -24.88
CA VAL A 283 3.69 -11.53 -25.94
C VAL A 283 3.62 -10.85 -27.30
N LYS A 284 2.94 -9.71 -27.37
CA LYS A 284 2.91 -8.88 -28.58
C LYS A 284 4.37 -8.72 -29.03
N SER A 285 5.22 -8.24 -28.16
CA SER A 285 6.62 -8.10 -28.49
C SER A 285 7.30 -9.41 -28.20
N LYS A 286 8.61 -9.47 -28.26
CA LYS A 286 9.23 -10.76 -28.02
C LYS A 286 10.22 -10.53 -26.91
N ILE A 287 9.72 -9.91 -25.84
CA ILE A 287 10.61 -9.42 -24.79
C ILE A 287 10.92 -10.54 -23.86
N ALA A 288 12.19 -10.70 -23.52
CA ALA A 288 12.66 -11.64 -22.50
C ALA A 288 12.59 -11.02 -21.12
N LEU A 289 12.17 -11.80 -20.13
CA LEU A 289 12.23 -11.38 -18.74
C LEU A 289 13.65 -11.30 -18.27
N PRO A 290 13.92 -10.48 -17.23
CA PRO A 290 15.30 -10.48 -16.79
C PRO A 290 15.72 -11.85 -16.27
N ASP A 291 16.96 -12.23 -16.50
CA ASP A 291 17.40 -13.57 -16.12
C ASP A 291 17.60 -13.67 -14.60
N SER A 292 17.66 -12.52 -13.92
CA SER A 292 17.76 -12.53 -12.49
C SER A 292 16.41 -12.65 -11.78
N LEU A 293 15.33 -12.34 -12.47
CA LEU A 293 14.05 -12.33 -11.84
C LEU A 293 13.55 -13.74 -11.41
N ARG A 294 13.34 -13.96 -10.11
CA ARG A 294 12.83 -15.26 -9.62
C ARG A 294 11.39 -15.24 -9.16
N LEU A 295 10.85 -14.06 -8.85
CA LEU A 295 9.55 -13.97 -8.19
C LEU A 295 8.84 -12.71 -8.61
N VAL A 296 7.57 -12.85 -8.96
CA VAL A 296 6.73 -11.75 -9.30
C VAL A 296 5.52 -11.91 -8.37
N ILE A 297 5.27 -10.86 -7.59
CA ILE A 297 4.13 -10.71 -6.70
C ILE A 297 3.18 -9.69 -7.21
N ILE A 298 1.91 -10.07 -7.33
CA ILE A 298 0.92 -9.20 -7.90
C ILE A 298 -0.19 -9.15 -6.96
N GLY A 299 -0.86 -8.02 -6.99
CA GLY A 299 -2.14 -7.89 -6.29
C GLY A 299 -2.71 -6.50 -6.39
N GLY A 300 -3.88 -6.37 -5.83
CA GLY A 300 -4.55 -5.11 -5.83
C GLY A 300 -5.89 -5.21 -6.50
N GLU A 301 -6.04 -6.16 -7.40
CA GLU A 301 -7.38 -6.40 -7.96
C GLU A 301 -7.47 -7.75 -8.60
N ARG A 302 -8.63 -8.06 -9.13
CA ARG A 302 -8.88 -9.34 -9.74
C ARG A 302 -7.97 -9.58 -10.97
N VAL A 303 -7.18 -10.62 -10.92
CA VAL A 303 -6.36 -10.95 -12.03
C VAL A 303 -7.26 -11.63 -13.07
N GLN A 304 -6.99 -11.35 -14.34
CA GLN A 304 -7.76 -11.85 -15.49
C GLN A 304 -7.26 -13.25 -15.83
N PRO A 305 -8.17 -14.23 -15.75
CA PRO A 305 -7.69 -15.59 -16.01
C PRO A 305 -7.03 -15.74 -17.38
N GLU A 306 -7.52 -15.00 -18.37
CA GLU A 306 -6.96 -15.14 -19.70
C GLU A 306 -5.50 -14.70 -19.72
N LEU A 307 -5.18 -13.62 -19.00
CA LEU A 307 -3.78 -13.20 -18.97
C LEU A 307 -2.91 -14.15 -18.14
N VAL A 308 -3.50 -14.79 -17.15
CA VAL A 308 -2.81 -15.83 -16.40
C VAL A 308 -2.45 -16.98 -17.34
N ARG A 309 -3.40 -17.41 -18.16
CA ARG A 309 -3.12 -18.46 -19.17
C ARG A 309 -2.07 -18.04 -20.16
N MET A 310 -2.16 -16.80 -20.61
CA MET A 310 -1.15 -16.28 -21.51
C MET A 310 0.23 -16.23 -20.82
N TRP A 311 0.31 -15.90 -19.53
CA TRP A 311 1.63 -15.87 -18.87
C TRP A 311 2.19 -17.27 -18.82
N PHE A 312 1.38 -18.25 -18.50
CA PHE A 312 1.90 -19.60 -18.41
C PHE A 312 2.33 -20.18 -19.74
N LYS A 313 1.62 -19.86 -20.80
CA LYS A 313 2.01 -20.31 -22.14
C LYS A 313 3.32 -19.69 -22.58
N ASN A 314 3.52 -18.40 -22.34
CA ASN A 314 4.69 -17.73 -22.84
C ASN A 314 5.84 -17.65 -21.91
N VAL A 315 5.57 -17.74 -20.61
CA VAL A 315 6.68 -17.64 -19.67
C VAL A 315 6.94 -18.95 -18.98
N GLY A 316 5.90 -19.66 -18.63
CA GLY A 316 6.10 -20.93 -17.88
C GLY A 316 6.20 -20.63 -16.40
N ASN A 317 6.77 -21.55 -15.66
CA ASN A 317 6.69 -21.58 -14.22
C ASN A 317 7.76 -20.83 -13.48
N PHE A 318 8.70 -20.28 -14.23
CA PHE A 318 9.71 -19.45 -13.69
C PHE A 318 9.86 -18.17 -14.54
N PRO A 319 9.91 -17.00 -13.90
CA PRO A 319 9.78 -16.82 -12.44
C PRO A 319 8.42 -17.24 -11.82
N GLU A 320 8.50 -17.52 -10.54
CA GLU A 320 7.34 -17.84 -9.72
C GLU A 320 6.40 -16.65 -9.72
N LEU A 321 5.09 -16.88 -9.81
CA LEU A 321 4.06 -15.88 -9.80
C LEU A 321 3.07 -16.04 -8.66
N ILE A 322 3.00 -15.00 -7.85
CA ILE A 322 2.09 -15.05 -6.70
C ILE A 322 1.04 -13.94 -6.65
N ASN A 323 -0.18 -14.38 -6.45
CA ASN A 323 -1.32 -13.50 -6.31
C ASN A 323 -1.58 -13.25 -4.82
N VAL A 324 -1.48 -11.99 -4.40
CA VAL A 324 -1.62 -11.64 -3.02
C VAL A 324 -2.88 -10.74 -2.83
N TYR A 325 -3.60 -11.02 -1.76
CA TYR A 325 -4.81 -10.35 -1.42
C TYR A 325 -4.81 -9.76 0.00
N GLY A 326 -5.24 -8.53 0.07
CA GLY A 326 -5.80 -8.05 1.31
C GLY A 326 -6.06 -6.57 1.32
N PRO A 327 -6.89 -6.13 2.29
CA PRO A 327 -7.12 -4.71 2.44
C PRO A 327 -6.09 -3.99 3.30
N THR A 328 -6.00 -2.68 3.11
CA THR A 328 -5.15 -1.90 3.99
C THR A 328 -5.47 -2.14 5.45
N GLU A 329 -6.72 -2.38 5.75
CA GLU A 329 -7.18 -2.61 7.11
C GLU A 329 -6.74 -3.94 7.71
N GLY A 330 -6.19 -4.85 6.89
CA GLY A 330 -5.58 -6.11 7.42
C GLY A 330 -4.07 -6.15 7.27
N THR A 331 -3.44 -4.96 7.28
CA THR A 331 -2.02 -4.85 7.19
C THR A 331 -1.42 -5.53 5.93
N ILE A 332 -1.77 -4.99 4.79
CA ILE A 332 -1.10 -5.17 3.52
C ILE A 332 -1.66 -6.47 2.87
N ALA A 333 -1.46 -7.60 3.48
CA ALA A 333 -2.09 -8.81 2.90
C ALA A 333 -2.39 -9.84 3.92
N VAL A 334 -3.41 -10.64 3.61
CA VAL A 334 -3.80 -11.71 4.46
C VAL A 334 -3.81 -13.09 3.76
N SER A 335 -3.70 -13.12 2.46
N SER A 335 -3.83 -13.11 2.43
CA SER A 335 -3.70 -14.40 1.78
CA SER A 335 -3.98 -14.36 1.64
C SER A 335 -2.82 -14.31 0.56
C SER A 335 -3.10 -14.33 0.41
N LEU A 336 -2.51 -15.47 0.04
CA LEU A 336 -1.73 -15.58 -1.18
C LEU A 336 -1.91 -16.93 -1.87
N CYS A 337 -1.80 -16.91 -3.18
CA CYS A 337 -1.95 -18.13 -3.97
C CYS A 337 -0.75 -18.14 -4.91
N ARG A 338 0.02 -19.23 -4.86
CA ARG A 338 1.12 -19.42 -5.80
C ARG A 338 0.59 -19.94 -7.12
N LEU A 339 0.47 -19.03 -8.08
CA LEU A 339 -0.17 -19.31 -9.36
C LEU A 339 0.63 -20.31 -10.19
N SER A 340 1.95 -20.25 -10.10
N SER A 340 1.93 -20.18 -10.08
CA SER A 340 2.83 -21.18 -10.83
CA SER A 340 2.91 -21.08 -10.69
C SER A 340 2.79 -22.62 -10.26
C SER A 340 2.69 -22.57 -10.32
N GLN A 341 2.08 -22.82 -9.15
CA GLN A 341 1.94 -24.12 -8.57
C GLN A 341 0.53 -24.67 -8.82
N LEU A 342 -0.34 -23.85 -9.45
CA LEU A 342 -1.66 -24.35 -9.79
C LEU A 342 -1.61 -25.40 -10.94
N THR A 343 -2.49 -26.37 -10.86
CA THR A 343 -2.66 -27.29 -11.98
C THR A 343 -3.31 -26.57 -13.13
N GLU A 344 -3.23 -27.23 -14.26
CA GLU A 344 -3.75 -26.71 -15.50
CA GLU A 344 -3.76 -26.66 -15.49
C GLU A 344 -5.25 -26.49 -15.36
N SER A 345 -5.94 -27.42 -14.73
CA SER A 345 -7.38 -27.20 -14.60
C SER A 345 -7.77 -26.19 -13.49
N GLN A 346 -6.97 -26.08 -12.44
CA GLN A 346 -7.18 -25.00 -11.46
C GLN A 346 -7.04 -23.60 -12.07
N ARG A 347 -6.30 -23.52 -13.18
CA ARG A 347 -6.04 -22.30 -13.94
C ARG A 347 -7.00 -22.05 -15.08
N ASN A 348 -7.61 -23.14 -15.57
CA ASN A 348 -8.68 -23.08 -16.58
C ASN A 348 -10.02 -22.80 -15.95
N ARG A 349 -10.06 -22.29 -14.72
CA ARG A 349 -11.32 -21.84 -14.14
C ARG A 349 -11.54 -20.38 -14.51
N THR A 350 -12.70 -19.86 -14.12
CA THR A 350 -13.06 -18.51 -14.49
C THR A 350 -12.59 -17.51 -13.45
N GLU A 351 -12.16 -18.02 -12.30
CA GLU A 351 -11.67 -17.17 -11.23
C GLU A 351 -10.38 -17.80 -10.80
N ILE A 352 -9.31 -17.01 -10.79
CA ILE A 352 -8.01 -17.46 -10.25
C ILE A 352 -8.10 -17.24 -8.72
N PRO A 353 -7.65 -18.18 -7.94
CA PRO A 353 -7.81 -17.98 -6.51
C PRO A 353 -6.91 -16.93 -5.89
N ILE A 354 -7.32 -16.42 -4.74
CA ILE A 354 -6.47 -15.59 -3.90
C ILE A 354 -5.85 -16.43 -2.80
N GLY A 355 -6.22 -17.69 -2.75
CA GLY A 355 -5.56 -18.66 -1.89
C GLY A 355 -5.91 -18.82 -0.43
N LYS A 356 -4.87 -18.95 0.36
CA LYS A 356 -4.94 -19.27 1.75
C LYS A 356 -4.24 -18.24 2.58
N SER A 357 -4.61 -18.23 3.86
CA SER A 357 -4.02 -17.34 4.85
C SER A 357 -2.50 -17.32 4.82
N LEU A 358 -1.98 -16.11 4.91
CA LEU A 358 -0.53 -15.88 5.04
C LEU A 358 0.06 -16.57 6.24
N GLY A 359 -0.71 -16.79 7.29
CA GLY A 359 -0.19 -17.41 8.47
C GLY A 359 -1.23 -17.85 9.42
N GLU A 360 -0.80 -18.63 10.42
CA GLU A 360 -1.72 -19.24 11.38
C GLU A 360 -2.46 -18.21 12.25
N ASN A 361 -1.80 -17.09 12.55
CA ASN A 361 -2.43 -16.06 13.39
C ASN A 361 -3.31 -15.03 12.68
N ILE A 362 -3.49 -15.24 11.41
CA ILE A 362 -4.35 -14.49 10.58
C ILE A 362 -5.47 -15.40 10.10
N SER A 363 -6.70 -14.95 10.29
CA SER A 363 -7.84 -15.71 9.87
C SER A 363 -8.55 -15.04 8.78
N VAL A 364 -8.91 -15.80 7.77
CA VAL A 364 -9.62 -15.24 6.71
C VAL A 364 -10.91 -16.00 6.55
N TYR A 365 -12.03 -15.41 6.97
CA TYR A 365 -13.27 -16.18 6.97
C TYR A 365 -14.17 -15.80 5.85
N VAL A 366 -15.02 -16.76 5.40
CA VAL A 366 -16.17 -16.46 4.58
C VAL A 366 -17.36 -16.74 5.47
N LEU A 367 -18.09 -15.69 5.84
CA LEU A 367 -19.17 -15.79 6.75
C LEU A 367 -20.46 -15.33 6.12
N ASP A 368 -21.56 -15.81 6.68
CA ASP A 368 -22.90 -15.38 6.27
C ASP A 368 -23.27 -14.11 7.10
N GLU A 369 -24.51 -13.65 6.97
CA GLU A 369 -24.92 -12.37 7.58
C GLU A 369 -25.11 -12.42 9.07
N THR A 370 -25.04 -13.59 9.69
CA THR A 370 -25.03 -13.67 11.15
C THR A 370 -23.62 -14.09 11.66
N LEU A 371 -22.62 -13.92 10.77
CA LEU A 371 -21.22 -14.22 11.11
C LEU A 371 -20.94 -15.68 11.40
N LYS A 372 -21.70 -16.55 10.75
CA LYS A 372 -21.44 -17.97 10.84
C LYS A 372 -20.63 -18.41 9.60
N THR A 373 -19.63 -19.26 9.82
CA THR A 373 -18.94 -19.89 8.70
C THR A 373 -19.92 -20.77 7.92
N VAL A 374 -19.64 -21.00 6.66
CA VAL A 374 -20.57 -21.61 5.74
C VAL A 374 -19.94 -22.90 5.18
N PRO A 375 -20.75 -23.78 4.56
CA PRO A 375 -20.08 -24.99 4.08
C PRO A 375 -19.17 -24.65 2.90
N PRO A 376 -18.11 -25.45 2.69
CA PRO A 376 -17.26 -25.21 1.54
C PRO A 376 -18.06 -24.96 0.29
N GLU A 377 -17.60 -24.03 -0.51
CA GLU A 377 -18.11 -23.71 -1.85
C GLU A 377 -19.33 -22.82 -1.84
N THR A 378 -19.77 -22.41 -0.65
CA THR A 378 -20.85 -21.47 -0.47
C THR A 378 -20.25 -20.04 -0.32
N PRO A 379 -20.77 -19.10 -1.10
CA PRO A 379 -20.32 -17.75 -1.07
C PRO A 379 -20.82 -17.04 0.14
N GLY A 380 -20.09 -15.99 0.52
CA GLY A 380 -20.41 -15.22 1.73
C GLY A 380 -19.47 -14.04 1.73
N GLU A 381 -19.45 -13.29 2.81
CA GLU A 381 -18.59 -12.10 2.82
C GLU A 381 -17.29 -12.43 3.57
N ILE A 382 -16.19 -11.88 3.08
CA ILE A 382 -14.89 -12.11 3.69
C ILE A 382 -14.63 -11.22 4.91
N TYR A 383 -14.26 -11.85 6.02
CA TYR A 383 -13.94 -11.20 7.24
C TYR A 383 -12.54 -11.67 7.64
N ILE A 384 -11.75 -10.74 8.17
CA ILE A 384 -10.42 -11.02 8.67
C ILE A 384 -10.38 -10.99 10.14
N GLY A 385 -9.72 -11.93 10.73
CA GLY A 385 -9.44 -11.89 12.15
C GLY A 385 -7.97 -12.10 12.50
N GLY A 386 -7.66 -11.87 13.76
CA GLY A 386 -6.35 -12.13 14.31
C GLY A 386 -5.35 -10.99 14.11
N THR A 387 -4.08 -11.33 13.96
CA THR A 387 -3.01 -10.40 14.19
C THR A 387 -2.92 -9.31 13.16
N ALA A 388 -3.48 -9.57 12.01
CA ALA A 388 -3.43 -8.66 10.92
C ALA A 388 -4.20 -7.35 11.12
N LEU A 389 -5.13 -7.27 12.07
CA LEU A 389 -6.07 -6.15 12.02
C LEU A 389 -5.41 -4.83 12.33
N ALA A 390 -5.80 -3.79 11.61
CA ALA A 390 -5.53 -2.37 11.99
C ALA A 390 -6.17 -2.09 13.35
N ARG A 391 -5.66 -1.09 14.02
CA ARG A 391 -6.30 -0.62 15.24
C ARG A 391 -7.69 -0.10 14.90
N GLY A 392 -7.84 0.54 13.76
CA GLY A 392 -9.07 1.20 13.45
C GLY A 392 -8.87 2.33 12.48
N TYR A 393 -9.91 3.15 12.28
CA TYR A 393 -9.79 4.32 11.50
C TYR A 393 -9.52 5.53 12.41
N LEU A 394 -8.70 6.42 11.96
CA LEU A 394 -8.36 7.57 12.82
C LEU A 394 -9.51 8.58 12.85
N ASN A 395 -9.98 8.94 14.03
CA ASN A 395 -11.12 9.88 14.20
C ASN A 395 -12.35 9.56 13.41
N ARG A 396 -12.68 8.26 13.28
CA ARG A 396 -13.92 7.88 12.63
C ARG A 396 -14.57 6.78 13.47
N PRO A 397 -15.00 7.09 14.71
CA PRO A 397 -15.53 6.09 15.64
C PRO A 397 -16.71 5.27 15.09
N GLU A 398 -17.60 5.91 14.34
CA GLU A 398 -18.81 5.27 13.79
C GLU A 398 -18.39 4.31 12.71
N LEU A 399 -17.54 4.76 11.79
CA LEU A 399 -17.01 3.86 10.76
C LEU A 399 -16.17 2.67 11.31
N THR A 400 -15.34 2.91 12.32
CA THR A 400 -14.54 1.88 12.99
C THR A 400 -15.48 0.84 13.60
N ALA A 401 -16.54 1.28 14.28
CA ALA A 401 -17.49 0.36 14.94
C ALA A 401 -18.24 -0.47 13.94
N GLN A 402 -18.50 0.11 12.81
CA GLN A 402 -19.19 -0.58 11.81
C GLN A 402 -18.32 -1.63 11.06
N LYS A 403 -17.01 -1.40 10.95
CA LYS A 403 -16.12 -2.26 10.14
C LYS A 403 -15.34 -3.23 10.97
N PHE A 404 -14.98 -2.81 12.16
CA PHE A 404 -14.19 -3.62 13.03
C PHE A 404 -15.09 -4.10 14.18
N ILE A 405 -15.62 -5.29 14.01
CA ILE A 405 -16.74 -5.85 14.77
C ILE A 405 -16.18 -6.79 15.80
N GLN A 406 -16.76 -6.77 17.01
CA GLN A 406 -16.38 -7.73 18.04
C GLN A 406 -16.83 -9.14 17.63
N ASP A 407 -15.93 -10.11 17.71
CA ASP A 407 -16.20 -11.47 17.23
C ASP A 407 -17.17 -12.09 18.20
N PRO A 408 -18.40 -12.38 17.74
CA PRO A 408 -19.47 -12.88 18.63
C PRO A 408 -19.17 -14.26 19.18
N PHE A 409 -18.33 -15.02 18.48
CA PHE A 409 -17.98 -16.34 18.94
C PHE A 409 -16.58 -16.36 19.55
N SER A 410 -15.99 -15.21 19.84
CA SER A 410 -14.63 -15.18 20.39
C SER A 410 -14.34 -13.82 20.97
N PRO A 411 -15.03 -13.50 22.09
CA PRO A 411 -15.22 -12.11 22.49
C PRO A 411 -13.99 -11.27 22.75
N SER A 412 -12.83 -11.89 22.98
CA SER A 412 -11.58 -11.15 23.13
C SER A 412 -11.05 -10.57 21.79
N GLU A 413 -11.70 -10.91 20.68
CA GLU A 413 -11.16 -10.63 19.34
C GLU A 413 -12.08 -9.83 18.46
N ARG A 414 -11.54 -9.27 17.38
CA ARG A 414 -12.34 -8.55 16.38
C ARG A 414 -12.27 -9.20 15.02
N LEU A 415 -13.20 -8.80 14.16
CA LEU A 415 -13.26 -9.22 12.81
C LEU A 415 -13.32 -7.94 11.96
N TYR A 416 -12.64 -7.88 10.83
CA TYR A 416 -12.83 -6.76 9.89
C TYR A 416 -13.69 -7.23 8.76
N LYS A 417 -14.74 -6.45 8.49
CA LYS A 417 -15.64 -6.66 7.43
C LYS A 417 -15.06 -6.06 6.15
N THR A 418 -14.71 -6.90 5.20
CA THR A 418 -13.91 -6.46 4.11
C THR A 418 -14.71 -5.74 3.09
N GLY A 419 -16.01 -6.04 3.01
CA GLY A 419 -16.78 -5.64 1.86
C GLY A 419 -16.54 -6.51 0.64
N ASP A 420 -15.71 -7.54 0.76
CA ASP A 420 -15.39 -8.45 -0.37
C ASP A 420 -16.21 -9.77 -0.21
N LEU A 421 -16.69 -10.28 -1.33
CA LEU A 421 -17.50 -11.49 -1.38
C LEU A 421 -16.50 -12.57 -1.74
N GLY A 422 -16.63 -13.76 -1.17
CA GLY A 422 -15.76 -14.84 -1.55
C GLY A 422 -16.34 -16.18 -1.23
N ARG A 423 -15.58 -17.21 -1.61
CA ARG A 423 -15.91 -18.56 -1.20
C ARG A 423 -14.67 -19.40 -1.19
N TYR A 424 -14.66 -20.34 -0.25
CA TYR A 424 -13.64 -21.32 -0.18
C TYR A 424 -14.04 -22.51 -1.10
N LEU A 425 -13.12 -22.94 -1.91
CA LEU A 425 -13.25 -24.16 -2.69
C LEU A 425 -12.96 -25.41 -1.85
N ALA A 426 -13.27 -26.57 -2.45
CA ALA A 426 -13.05 -27.85 -1.77
C ALA A 426 -11.59 -28.05 -1.49
N ASP A 427 -10.73 -27.66 -2.45
CA ASP A 427 -9.28 -27.76 -2.24
C ASP A 427 -8.72 -26.79 -1.19
N GLY A 428 -9.59 -26.03 -0.51
CA GLY A 428 -9.18 -25.09 0.53
C GLY A 428 -8.82 -23.65 0.08
N ASN A 429 -8.75 -23.42 -1.23
CA ASN A 429 -8.36 -22.11 -1.73
C ASN A 429 -9.57 -21.15 -1.72
N LEU A 430 -9.31 -19.91 -1.31
CA LEU A 430 -10.28 -18.85 -1.38
C LEU A 430 -10.37 -18.27 -2.77
N GLU A 431 -11.60 -17.98 -3.18
CA GLU A 431 -11.88 -17.30 -4.43
C GLU A 431 -12.49 -15.95 -4.09
N TYR A 432 -12.06 -14.89 -4.76
CA TYR A 432 -12.64 -13.56 -4.66
C TYR A 432 -13.82 -13.44 -5.61
N LEU A 433 -15.01 -13.12 -5.10
CA LEU A 433 -16.18 -13.01 -5.94
C LEU A 433 -16.70 -11.56 -6.18
N GLY A 434 -16.01 -10.52 -5.72
CA GLY A 434 -16.48 -9.15 -5.93
C GLY A 434 -16.85 -8.37 -4.67
N ARG A 435 -17.41 -7.19 -4.89
CA ARG A 435 -17.75 -6.24 -3.87
C ARG A 435 -19.26 -6.23 -3.60
N VAL A 436 -19.62 -5.98 -2.35
CA VAL A 436 -21.01 -5.71 -1.98
C VAL A 436 -21.42 -4.25 -2.15
N ASP A 437 -20.45 -3.40 -2.44
CA ASP A 437 -20.58 -1.94 -2.27
C ASP A 437 -19.97 -1.25 -3.46
N HIS A 438 -19.66 0.02 -3.33
CA HIS A 438 -19.29 0.80 -4.52
C HIS A 438 -17.82 1.21 -4.45
N GLN A 439 -17.01 0.43 -3.74
CA GLN A 439 -15.57 0.65 -3.84
C GLN A 439 -15.04 -0.06 -5.07
N VAL A 440 -14.11 0.61 -5.77
CA VAL A 440 -13.54 0.06 -6.98
C VAL A 440 -12.02 0.38 -7.01
N LYS A 441 -11.32 -0.22 -7.96
CA LYS A 441 -9.96 0.13 -8.29
C LYS A 441 -9.87 0.83 -9.66
N ILE A 442 -9.36 2.05 -9.68
CA ILE A 442 -9.12 2.79 -10.92
C ILE A 442 -7.62 2.99 -11.06
N ASN A 443 -7.05 2.49 -12.17
CA ASN A 443 -5.61 2.48 -12.45
C ASN A 443 -4.77 1.99 -11.26
N GLY A 444 -5.29 0.96 -10.58
CA GLY A 444 -4.61 0.37 -9.43
C GLY A 444 -4.92 0.94 -8.06
N PHE A 445 -5.63 2.06 -8.05
CA PHE A 445 -5.89 2.87 -6.84
C PHE A 445 -7.26 2.58 -6.26
N ARG A 446 -7.32 2.49 -4.94
CA ARG A 446 -8.56 2.26 -4.25
C ARG A 446 -9.41 3.54 -4.28
N VAL A 447 -10.65 3.41 -4.77
CA VAL A 447 -11.57 4.51 -5.02
C VAL A 447 -12.97 4.20 -4.46
N GLU A 448 -13.50 5.12 -3.66
CA GLU A 448 -14.89 5.01 -3.25
C GLU A 448 -15.64 5.90 -4.21
N LEU A 449 -16.59 5.31 -4.93
CA LEU A 449 -17.40 6.07 -5.91
C LEU A 449 -18.23 7.13 -5.24
N GLY A 450 -18.77 6.82 -4.08
CA GLY A 450 -19.46 7.79 -3.26
C GLY A 450 -18.59 8.99 -2.89
N GLU A 451 -17.27 8.83 -2.72
CA GLU A 451 -16.40 9.99 -2.44
C GLU A 451 -16.60 10.97 -3.62
N ILE A 452 -16.43 10.46 -4.83
CA ILE A 452 -16.48 11.30 -6.01
C ILE A 452 -17.88 11.94 -6.14
N GLU A 453 -18.91 11.10 -6.00
CA GLU A 453 -20.31 11.54 -6.02
C GLU A 453 -20.56 12.65 -5.00
N THR A 454 -20.22 12.41 -3.74
CA THR A 454 -20.36 13.36 -2.65
C THR A 454 -19.70 14.70 -2.94
N VAL A 455 -18.54 14.67 -3.58
CA VAL A 455 -17.79 15.91 -3.90
C VAL A 455 -18.43 16.73 -5.06
N LEU A 456 -18.91 16.04 -6.09
CA LEU A 456 -19.56 16.71 -7.23
C LEU A 456 -20.83 17.49 -6.83
N LEU A 457 -21.58 16.90 -5.88
CA LEU A 457 -22.77 17.49 -5.26
C LEU A 457 -22.54 18.86 -4.66
N GLN A 458 -21.37 19.03 -4.07
CA GLN A 458 -21.00 20.30 -3.46
C GLN A 458 -20.88 21.42 -4.48
N HIS A 459 -20.68 21.10 -5.75
CA HIS A 459 -20.60 22.14 -6.76
C HIS A 459 -21.99 22.80 -6.96
N HIS A 460 -22.02 24.11 -7.22
CA HIS A 460 -23.29 24.89 -7.36
C HIS A 460 -24.22 24.37 -8.48
N GLN A 461 -23.68 24.15 -9.69
CA GLN A 461 -24.47 23.50 -10.74
C GLN A 461 -24.37 21.96 -10.83
N VAL A 462 -24.59 21.29 -9.69
CA VAL A 462 -24.87 19.83 -9.64
C VAL A 462 -25.90 19.61 -8.54
N ALA A 463 -27.05 19.04 -8.93
CA ALA A 463 -28.20 18.83 -8.03
C ALA A 463 -28.24 17.41 -7.43
N GLN A 464 -28.07 16.41 -8.30
CA GLN A 464 -27.87 15.00 -7.89
C GLN A 464 -26.81 14.38 -8.83
N ALA A 465 -26.05 13.40 -8.35
CA ALA A 465 -24.99 12.79 -9.21
C ALA A 465 -24.70 11.32 -8.88
N VAL A 466 -24.27 10.58 -9.89
CA VAL A 466 -23.90 9.18 -9.75
C VAL A 466 -22.66 8.93 -10.62
N VAL A 467 -21.69 8.24 -10.03
CA VAL A 467 -20.41 7.95 -10.71
C VAL A 467 -20.33 6.43 -10.74
N ILE A 468 -20.01 5.92 -11.91
CA ILE A 468 -19.85 4.49 -12.03
C ILE A 468 -18.64 4.15 -12.86
N ASP A 469 -18.17 2.92 -12.66
CA ASP A 469 -17.12 2.23 -13.44
C ASP A 469 -17.88 1.37 -14.44
N ARG A 470 -17.42 1.14 -15.66
CA ARG A 470 -16.05 1.30 -16.12
C ARG A 470 -16.00 1.62 -17.61
N ARG A 478 -12.30 4.60 -17.28
CA ARG A 478 -13.24 3.72 -16.60
C ARG A 478 -14.32 4.48 -15.84
N LEU A 479 -13.97 5.57 -15.16
CA LEU A 479 -15.00 6.38 -14.49
C LEU A 479 -15.81 7.24 -15.47
N VAL A 480 -17.13 7.11 -15.38
CA VAL A 480 -18.09 7.99 -16.06
C VAL A 480 -18.98 8.59 -15.00
N ALA A 481 -19.18 9.90 -15.07
CA ALA A 481 -20.06 10.61 -14.14
C ALA A 481 -21.42 10.89 -14.79
N TYR A 482 -22.47 10.71 -14.01
CA TYR A 482 -23.85 10.92 -14.46
C TYR A 482 -24.45 12.01 -13.58
N LEU A 483 -24.97 13.08 -14.20
CA LEU A 483 -25.48 14.24 -13.44
C LEU A 483 -26.72 14.98 -14.04
N VAL A 484 -27.57 15.48 -13.14
CA VAL A 484 -28.65 16.43 -13.47
C VAL A 484 -28.28 17.83 -12.89
N PRO A 485 -27.92 18.79 -13.79
CA PRO A 485 -27.52 20.16 -13.40
C PRO A 485 -28.63 20.96 -12.72
N HIS A 486 -28.27 22.07 -12.06
CA HIS A 486 -29.22 23.15 -11.82
C HIS A 486 -29.29 23.93 -13.14
N SER A 487 -28.14 24.36 -13.65
CA SER A 487 -28.05 25.09 -14.92
C SER A 487 -26.90 24.48 -15.69
N THR A 488 -27.21 23.85 -16.82
CA THR A 488 -26.17 23.41 -17.79
C THR A 488 -25.47 24.59 -18.47
N GLU A 489 -24.29 24.31 -18.99
CA GLU A 489 -23.64 25.15 -20.01
C GLU A 489 -22.60 24.24 -20.65
N GLU A 490 -22.13 24.59 -21.84
CA GLU A 490 -21.36 23.63 -22.64
C GLU A 490 -19.87 23.50 -22.28
N ASN A 491 -19.39 24.16 -21.22
CA ASN A 491 -18.07 23.80 -20.68
C ASN A 491 -18.13 23.09 -19.33
N LEU A 492 -19.25 22.42 -19.06
CA LEU A 492 -19.46 21.76 -17.75
C LEU A 492 -18.47 20.62 -17.50
N THR A 493 -18.12 19.86 -18.53
CA THR A 493 -17.07 18.85 -18.39
C THR A 493 -15.76 19.49 -17.91
N VAL A 494 -15.23 20.47 -18.65
CA VAL A 494 -13.94 21.05 -18.28
C VAL A 494 -14.03 21.79 -16.92
N THR A 495 -15.24 22.25 -16.60
CA THR A 495 -15.48 23.02 -15.39
C THR A 495 -15.50 22.11 -14.19
N LEU A 496 -16.24 20.99 -14.27
CA LEU A 496 -16.35 20.09 -13.11
C LEU A 496 -15.03 19.34 -12.88
N GLN A 497 -14.29 19.12 -13.95
CA GLN A 497 -12.99 18.52 -13.86
C GLN A 497 -12.01 19.48 -13.17
N GLN A 498 -11.98 20.75 -13.59
CA GLN A 498 -11.21 21.77 -12.86
C GLN A 498 -11.52 21.77 -11.31
N PHE A 499 -12.80 21.77 -10.97
CA PHE A 499 -13.28 21.68 -9.61
C PHE A 499 -12.73 20.44 -8.86
N LEU A 500 -12.68 19.31 -9.55
CA LEU A 500 -12.25 18.07 -8.93
C LEU A 500 -10.74 18.02 -8.80
N LYS A 501 -10.06 18.61 -9.78
CA LYS A 501 -8.63 18.61 -9.80
C LYS A 501 -7.99 19.20 -8.52
N ASN A 502 -8.65 20.17 -7.89
CA ASN A 502 -8.15 20.78 -6.65
C ASN A 502 -8.60 20.13 -5.39
N LYS A 503 -9.40 19.07 -5.51
CA LYS A 503 -9.93 18.36 -4.35
C LYS A 503 -9.49 16.90 -4.30
N LEU A 504 -9.47 16.21 -5.45
CA LEU A 504 -9.32 14.75 -5.46
C LEU A 504 -8.06 14.39 -6.20
N PRO A 505 -7.51 13.17 -5.94
CA PRO A 505 -6.40 12.74 -6.74
C PRO A 505 -6.89 12.54 -8.17
N SER A 506 -5.97 12.68 -9.11
CA SER A 506 -6.31 12.72 -10.54
C SER A 506 -7.04 11.45 -10.99
N TYR A 507 -6.69 10.30 -10.43
CA TYR A 507 -7.34 9.03 -10.81
C TYR A 507 -8.80 8.95 -10.35
N MET A 508 -9.25 9.89 -9.52
CA MET A 508 -10.66 9.94 -9.09
C MET A 508 -11.49 10.88 -9.96
N ILE A 509 -10.85 11.43 -11.00
CA ILE A 509 -11.46 12.42 -11.88
C ILE A 509 -12.06 11.69 -13.08
N PRO A 510 -13.40 11.70 -13.21
CA PRO A 510 -13.96 10.98 -14.34
C PRO A 510 -13.51 11.59 -15.67
N ALA A 511 -13.12 10.71 -16.59
CA ALA A 511 -12.83 11.07 -17.98
C ALA A 511 -14.04 11.69 -18.67
N THR A 512 -15.19 11.06 -18.53
CA THR A 512 -16.40 11.55 -19.19
C THR A 512 -17.54 11.84 -18.22
N PHE A 513 -18.37 12.80 -18.61
CA PHE A 513 -19.62 13.15 -17.92
C PHE A 513 -20.88 13.05 -18.78
N VAL A 514 -22.02 12.79 -18.14
CA VAL A 514 -23.29 12.62 -18.82
C VAL A 514 -24.41 13.35 -18.05
N VAL A 515 -25.37 13.90 -18.80
CA VAL A 515 -26.41 14.85 -18.31
C VAL A 515 -27.86 14.49 -18.75
N LEU A 516 -28.85 14.56 -17.84
CA LEU A 516 -30.33 14.66 -18.18
C LEU A 516 -31.28 14.48 -17.01
#